data_7B5U
#
_entry.id   7B5U
#
_cell.length_a   33.164
_cell.length_b   60.947
_cell.length_c   35.714
_cell.angle_alpha   90.000
_cell.angle_beta   101.730
_cell.angle_gamma   90.000
#
_symmetry.space_group_name_H-M   'P 1 21 1'
#
loop_
_entity.id
_entity.type
_entity.pdbx_description
1 polymer 'GntR family transcriptional regulator'
2 non-polymer "(2R,3R,3aS,5R,7aR,9R,10R,10aS,12R,14aR)-2,9-bis(6-amino-9H-purin-9-yl)octahydro-2H,7H-difuro[3,2-d:3',2'-j][1,3,7,9,2,8 ]tetraoxadiphosphacyclododecine-3,5,10,12-tetrol 5,12-dioxide"
3 water water
#
_entity_poly.entity_id   1
_entity_poly.type   'polypeptide(L)'
_entity_poly.pdbx_seq_one_letter_code
;GPLAPYEIIVSEDSEHLGKSIGELNVWHQTGATIVAIEHEGKFIVSPGPFSVIEQGDHIFFVGDEDVYARMKTYFNLRMG
L
;
_entity_poly.pdbx_strand_id   A,B
#
# COMPACT_ATOMS: atom_id res chain seq x y z
N GLY A 1 9.26 -1.76 13.39
CA GLY A 1 8.59 -0.52 13.72
C GLY A 1 7.20 -0.43 13.11
N PRO A 2 6.58 0.74 13.18
CA PRO A 2 5.19 0.87 12.73
C PRO A 2 4.98 0.68 11.24
N LEU A 3 6.02 0.85 10.43
CA LEU A 3 5.94 0.63 8.99
C LEU A 3 6.29 -0.79 8.58
N ALA A 4 6.63 -1.65 9.53
CA ALA A 4 6.90 -3.05 9.21
C ALA A 4 5.61 -3.71 8.73
N PRO A 5 5.62 -4.40 7.60
CA PRO A 5 4.38 -5.02 7.11
C PRO A 5 3.95 -6.21 7.95
N TYR A 6 2.64 -6.36 8.08
CA TYR A 6 2.07 -7.62 8.49
C TYR A 6 2.10 -8.61 7.33
N GLU A 7 2.10 -9.90 7.67
CA GLU A 7 2.08 -10.98 6.68
C GLU A 7 0.94 -11.91 7.02
N ILE A 8 0.07 -12.18 6.06
CA ILE A 8 -0.95 -13.22 6.22
C ILE A 8 -0.87 -14.19 5.06
N ILE A 9 -1.08 -15.47 5.37
CA ILE A 9 -1.14 -16.53 4.36
C ILE A 9 -2.62 -16.83 4.14
N VAL A 10 -3.13 -16.58 2.94
CA VAL A 10 -4.56 -16.75 2.66
C VAL A 10 -4.83 -18.21 2.27
N SER A 11 -4.75 -19.08 3.28
CA SER A 11 -4.83 -20.51 3.07
CA SER A 11 -4.83 -20.51 3.07
C SER A 11 -6.26 -21.06 3.18
N GLU A 12 -7.21 -20.28 3.67
CA GLU A 12 -8.58 -20.75 3.83
C GLU A 12 -9.41 -20.37 2.60
N ASP A 13 -10.50 -21.11 2.39
CA ASP A 13 -11.43 -20.76 1.34
C ASP A 13 -12.06 -19.39 1.62
N SER A 14 -12.29 -18.62 0.56
CA SER A 14 -12.80 -17.27 0.71
C SER A 14 -13.34 -16.78 -0.62
N GLU A 15 -14.50 -16.12 -0.56
CA GLU A 15 -15.09 -15.46 -1.72
C GLU A 15 -14.14 -14.43 -2.34
N HIS A 16 -13.14 -13.98 -1.60
CA HIS A 16 -12.24 -12.95 -2.11
C HIS A 16 -11.10 -13.51 -2.95
N LEU A 17 -10.88 -14.83 -2.93
CA LEU A 17 -9.78 -15.40 -3.69
C LEU A 17 -10.12 -15.46 -5.17
N GLY A 18 -9.09 -15.37 -5.99
CA GLY A 18 -9.30 -15.32 -7.43
C GLY A 18 -9.76 -13.99 -7.94
N LYS A 19 -9.72 -12.96 -7.11
CA LYS A 19 -10.06 -11.59 -7.49
C LYS A 19 -8.83 -10.70 -7.45
N SER A 20 -8.90 -9.61 -8.19
CA SER A 20 -7.83 -8.63 -8.18
C SER A 20 -7.98 -7.69 -6.98
N ILE A 21 -6.88 -7.05 -6.62
CA ILE A 21 -6.89 -6.10 -5.52
C ILE A 21 -7.86 -4.97 -5.78
N GLY A 22 -7.95 -4.51 -7.02
CA GLY A 22 -8.89 -3.46 -7.37
C GLY A 22 -10.34 -3.89 -7.31
N GLU A 23 -10.64 -5.11 -7.77
CA GLU A 23 -11.99 -5.64 -7.65
C GLU A 23 -12.40 -5.74 -6.19
N LEU A 24 -11.47 -6.18 -5.34
CA LEU A 24 -11.75 -6.29 -3.91
C LEU A 24 -11.88 -4.93 -3.27
N ASN A 25 -11.20 -3.92 -3.82
CA ASN A 25 -11.18 -2.58 -3.24
C ASN A 25 -10.59 -2.62 -1.83
N VAL A 26 -9.43 -3.28 -1.70
CA VAL A 26 -8.93 -3.76 -0.39
C VAL A 26 -8.86 -2.63 0.64
N TRP A 27 -8.24 -1.48 0.31
CA TRP A 27 -8.07 -0.45 1.33
C TRP A 27 -9.40 -0.03 1.94
N HIS A 28 -10.44 0.08 1.11
CA HIS A 28 -11.77 0.46 1.60
C HIS A 28 -12.44 -0.64 2.39
N GLN A 29 -12.05 -1.89 2.19
CA GLN A 29 -12.68 -2.99 2.92
C GLN A 29 -12.03 -3.21 4.29
N THR A 30 -10.71 -3.00 4.38
CA THR A 30 -9.96 -3.43 5.55
C THR A 30 -9.03 -2.37 6.12
N GLY A 31 -8.81 -1.25 5.42
CA GLY A 31 -7.84 -0.27 5.86
C GLY A 31 -6.40 -0.61 5.57
N ALA A 32 -6.14 -1.72 4.90
CA ALA A 32 -4.78 -2.17 4.64
C ALA A 32 -4.24 -1.64 3.32
N THR A 33 -2.96 -1.33 3.29
CA THR A 33 -2.25 -1.03 2.06
C THR A 33 -1.30 -2.19 1.77
N ILE A 34 -1.58 -2.94 0.72
CA ILE A 34 -0.76 -4.10 0.36
C ILE A 34 0.53 -3.63 -0.30
N VAL A 35 1.66 -4.08 0.24
CA VAL A 35 2.97 -3.70 -0.30
C VAL A 35 3.55 -4.77 -1.20
N ALA A 36 3.15 -6.03 -0.99
CA ALA A 36 3.67 -7.11 -1.83
C ALA A 36 2.76 -8.32 -1.73
N ILE A 37 2.76 -9.13 -2.79
CA ILE A 37 2.14 -10.45 -2.79
CA ILE A 37 2.13 -10.45 -2.81
C ILE A 37 3.23 -11.47 -3.09
N GLU A 38 3.25 -12.54 -2.31
CA GLU A 38 4.10 -13.67 -2.62
C GLU A 38 3.22 -14.77 -3.19
N HIS A 39 3.54 -15.23 -4.39
CA HIS A 39 2.74 -16.22 -5.11
C HIS A 39 3.70 -17.23 -5.71
N GLU A 40 3.54 -18.50 -5.37
CA GLU A 40 4.44 -19.55 -5.85
C GLU A 40 5.90 -19.21 -5.56
N GLY A 41 6.13 -18.57 -4.41
CA GLY A 41 7.46 -18.23 -3.96
C GLY A 41 8.06 -17.00 -4.60
N LYS A 42 7.32 -16.32 -5.48
CA LYS A 42 7.79 -15.13 -6.19
C LYS A 42 7.09 -13.91 -5.62
N PHE A 43 7.81 -12.79 -5.54
CA PHE A 43 7.28 -11.58 -4.93
C PHE A 43 6.99 -10.55 -6.00
N ILE A 44 5.85 -9.88 -5.87
CA ILE A 44 5.52 -8.69 -6.64
C ILE A 44 5.37 -7.55 -5.63
N VAL A 45 6.21 -6.55 -5.77
CA VAL A 45 6.21 -5.39 -4.89
C VAL A 45 5.45 -4.26 -5.56
N SER A 46 4.68 -3.50 -4.79
CA SER A 46 3.83 -2.42 -5.30
C SER A 46 2.85 -3.01 -6.32
N PRO A 47 1.93 -3.88 -5.88
CA PRO A 47 1.24 -4.76 -6.83
C PRO A 47 0.22 -4.09 -7.73
N GLY A 48 -0.39 -3.00 -7.32
CA GLY A 48 -1.43 -2.36 -8.10
C GLY A 48 -2.75 -3.12 -8.10
N PRO A 49 -3.74 -2.54 -8.78
CA PRO A 49 -5.12 -3.06 -8.70
C PRO A 49 -5.36 -4.31 -9.51
N PHE A 50 -4.48 -4.64 -10.45
CA PHE A 50 -4.70 -5.77 -11.34
C PHE A 50 -4.07 -7.06 -10.83
N SER A 51 -3.24 -6.99 -9.79
CA SER A 51 -2.68 -8.19 -9.19
C SER A 51 -3.79 -9.00 -8.52
N VAL A 52 -3.73 -10.32 -8.69
CA VAL A 52 -4.77 -11.22 -8.19
C VAL A 52 -4.27 -11.92 -6.94
N ILE A 53 -5.17 -12.14 -5.99
CA ILE A 53 -4.90 -12.86 -4.75
CA ILE A 53 -4.85 -12.86 -4.78
C ILE A 53 -5.40 -14.28 -4.91
N GLU A 54 -4.50 -15.27 -4.83
CA GLU A 54 -4.85 -16.68 -4.98
C GLU A 54 -4.62 -17.44 -3.68
N GLN A 55 -5.27 -18.58 -3.55
CA GLN A 55 -5.18 -19.33 -2.31
C GLN A 55 -3.75 -19.76 -2.05
N GLY A 56 -3.30 -19.58 -0.81
CA GLY A 56 -1.95 -19.91 -0.42
C GLY A 56 -0.96 -18.78 -0.55
N ASP A 57 -1.34 -17.68 -1.21
CA ASP A 57 -0.43 -16.56 -1.34
C ASP A 57 -0.18 -15.92 0.03
N HIS A 58 0.97 -15.24 0.14
CA HIS A 58 1.26 -14.41 1.30
C HIS A 58 1.02 -12.96 0.93
N ILE A 59 0.20 -12.27 1.73
CA ILE A 59 -0.08 -10.85 1.53
C ILE A 59 0.68 -10.08 2.60
N PHE A 60 1.50 -9.13 2.16
CA PHE A 60 2.24 -8.22 3.04
C PHE A 60 1.58 -6.86 2.98
N PHE A 61 1.24 -6.28 4.12
CA PHE A 61 0.48 -5.04 4.12
C PHE A 61 0.84 -4.20 5.35
N VAL A 62 0.69 -2.88 5.22
CA VAL A 62 0.89 -1.96 6.33
C VAL A 62 -0.46 -1.56 6.91
N GLY A 63 -0.42 -1.16 8.17
CA GLY A 63 -1.60 -0.82 8.93
C GLY A 63 -1.25 -0.84 10.42
N ASP A 64 -2.27 -0.96 11.25
CA ASP A 64 -2.08 -1.18 12.67
C ASP A 64 -2.74 -2.51 13.05
N GLU A 65 -2.81 -2.77 14.35
CA GLU A 65 -3.37 -4.04 14.83
CA GLU A 65 -3.37 -4.04 14.81
C GLU A 65 -4.82 -4.21 14.39
N ASP A 66 -5.58 -3.11 14.35
CA ASP A 66 -6.97 -3.21 13.94
C ASP A 66 -7.08 -3.55 12.45
N VAL A 67 -6.20 -2.97 11.62
CA VAL A 67 -6.18 -3.33 10.21
C VAL A 67 -5.86 -4.80 10.04
N TYR A 68 -4.90 -5.31 10.82
CA TYR A 68 -4.59 -6.73 10.80
C TYR A 68 -5.84 -7.56 11.09
N ALA A 69 -6.59 -7.18 12.14
CA ALA A 69 -7.80 -7.92 12.49
C ALA A 69 -8.82 -7.92 11.36
N ARG A 70 -8.96 -6.77 10.68
CA ARG A 70 -9.85 -6.69 9.53
C ARG A 70 -9.40 -7.60 8.40
N MET A 71 -8.10 -7.60 8.07
CA MET A 71 -7.61 -8.47 7.01
C MET A 71 -7.83 -9.93 7.35
N LYS A 72 -7.55 -10.31 8.58
CA LYS A 72 -7.72 -11.71 8.96
C LYS A 72 -9.18 -12.13 8.84
N THR A 73 -10.11 -11.29 9.29
CA THR A 73 -11.52 -11.61 9.17
C THR A 73 -11.96 -11.65 7.72
N TYR A 74 -11.52 -10.68 6.94
CA TYR A 74 -11.90 -10.55 5.54
C TYR A 74 -11.52 -11.79 4.75
N PHE A 75 -10.36 -12.39 5.04
CA PHE A 75 -9.90 -13.57 4.31
C PHE A 75 -10.22 -14.89 5.03
N ASN A 76 -11.15 -14.88 5.97
CA ASN A 76 -11.68 -16.11 6.56
C ASN A 76 -10.61 -16.85 7.37
N LEU A 77 -9.79 -16.09 8.10
CA LEU A 77 -8.69 -16.65 8.88
C LEU A 77 -8.95 -16.62 10.39
N ARG A 78 -10.20 -16.51 10.81
CA ARG A 78 -10.48 -16.33 12.24
C ARG A 78 -10.39 -17.62 13.06
N MET A 79 -10.29 -18.79 12.42
CA MET A 79 -10.14 -20.07 13.14
C MET A 79 -11.25 -20.29 14.17
N GLY A 80 -12.47 -19.88 13.83
CA GLY A 80 -13.61 -20.11 14.70
C GLY A 80 -13.80 -19.08 15.79
N LEU A 81 -12.94 -18.06 15.87
CA LEU A 81 -13.10 -16.95 16.80
C LEU A 81 -13.81 -15.80 16.07
N LEU B 3 11.26 -5.06 0.78
CA LEU B 3 10.01 -4.38 1.09
C LEU B 3 10.26 -3.09 1.87
N ALA B 4 11.54 -2.74 2.05
CA ALA B 4 11.87 -1.51 2.73
C ALA B 4 11.39 -0.33 1.90
N PRO B 5 10.80 0.69 2.52
CA PRO B 5 10.30 1.82 1.74
C PRO B 5 11.39 2.84 1.44
N TYR B 6 11.25 3.46 0.28
CA TYR B 6 11.96 4.68 -0.04
C TYR B 6 11.28 5.85 0.66
N GLU B 7 12.04 6.93 0.85
CA GLU B 7 11.54 8.17 1.43
C GLU B 7 11.96 9.34 0.55
N ILE B 8 11.00 10.19 0.20
CA ILE B 8 11.30 11.47 -0.44
C ILE B 8 10.65 12.59 0.37
N ILE B 9 11.26 13.78 0.29
CA ILE B 9 10.72 14.99 0.91
C ILE B 9 10.27 15.92 -0.20
N VAL B 10 8.98 16.22 -0.26
CA VAL B 10 8.43 16.97 -1.37
C VAL B 10 8.53 18.47 -1.10
N SER B 11 9.75 18.97 -1.12
CA SER B 11 10.05 20.33 -0.72
C SER B 11 10.09 21.31 -1.89
N GLU B 12 10.02 20.83 -3.13
CA GLU B 12 10.02 21.71 -4.28
C GLU B 12 8.59 22.03 -4.71
N ASP B 13 8.42 23.15 -5.41
CA ASP B 13 7.11 23.49 -5.95
C ASP B 13 6.68 22.45 -6.97
N SER B 14 5.40 22.13 -6.97
CA SER B 14 4.89 21.09 -7.87
C SER B 14 3.37 21.21 -7.94
N GLU B 15 2.82 21.05 -9.13
CA GLU B 15 1.38 21.01 -9.28
C GLU B 15 0.74 19.83 -8.59
N HIS B 16 1.54 18.86 -8.14
CA HIS B 16 1.02 17.68 -7.45
C HIS B 16 0.88 17.89 -5.94
N LEU B 17 1.27 19.04 -5.41
CA LEU B 17 1.10 19.34 -3.99
C LEU B 17 -0.27 19.95 -3.74
N GLY B 18 -0.76 19.79 -2.52
CA GLY B 18 -2.10 20.23 -2.22
C GLY B 18 -3.16 19.37 -2.88
N LYS B 19 -2.83 18.13 -3.21
CA LYS B 19 -3.76 17.19 -3.81
C LYS B 19 -3.77 15.90 -2.99
N SER B 20 -4.89 15.19 -3.04
CA SER B 20 -4.96 13.92 -2.34
C SER B 20 -4.33 12.81 -3.18
N ILE B 21 -3.98 11.72 -2.49
CA ILE B 21 -3.38 10.58 -3.17
C ILE B 21 -4.30 10.04 -4.26
N GLY B 22 -5.60 10.01 -3.98
CA GLY B 22 -6.55 9.52 -4.98
C GLY B 22 -6.73 10.48 -6.13
N GLU B 23 -6.74 11.78 -5.84
CA GLU B 23 -6.82 12.79 -6.90
C GLU B 23 -5.62 12.68 -7.84
N LEU B 24 -4.43 12.46 -7.27
CA LEU B 24 -3.24 12.26 -8.08
C LEU B 24 -3.25 10.93 -8.79
N ASN B 25 -3.93 9.92 -8.22
CA ASN B 25 -3.93 8.56 -8.77
C ASN B 25 -2.51 7.99 -8.79
N VAL B 26 -1.83 8.10 -7.63
CA VAL B 26 -0.37 7.96 -7.57
C VAL B 26 0.12 6.66 -8.21
N TRP B 27 -0.44 5.51 -7.84
CA TRP B 27 0.10 4.26 -8.35
C TRP B 27 0.12 4.24 -9.87
N HIS B 28 -0.93 4.76 -10.51
CA HIS B 28 -1.00 4.79 -11.97
C HIS B 28 -0.04 5.81 -12.59
N GLN B 29 0.38 6.81 -11.83
CA GLN B 29 1.29 7.84 -12.33
C GLN B 29 2.74 7.44 -12.22
N THR B 30 3.11 6.74 -11.14
CA THR B 30 4.51 6.50 -10.82
C THR B 30 4.84 5.05 -10.51
N GLY B 31 3.86 4.17 -10.36
CA GLY B 31 4.12 2.81 -9.95
C GLY B 31 4.36 2.63 -8.47
N ALA B 32 4.28 3.69 -7.68
CA ALA B 32 4.57 3.61 -6.26
C ALA B 32 3.33 3.29 -5.43
N THR B 33 3.54 2.51 -4.36
CA THR B 33 2.53 2.30 -3.33
C THR B 33 3.00 3.04 -2.08
N ILE B 34 2.27 4.10 -1.73
CA ILE B 34 2.60 4.90 -0.55
C ILE B 34 2.19 4.15 0.70
N VAL B 35 3.14 3.97 1.61
CA VAL B 35 2.87 3.31 2.89
C VAL B 35 2.66 4.28 4.03
N ALA B 36 3.18 5.50 3.95
CA ALA B 36 3.01 6.47 5.02
C ALA B 36 3.31 7.86 4.50
N ILE B 37 2.67 8.85 5.12
CA ILE B 37 2.99 10.26 4.95
C ILE B 37 3.43 10.81 6.29
N GLU B 38 4.52 11.56 6.30
CA GLU B 38 4.95 12.33 7.47
C GLU B 38 4.63 13.79 7.21
N HIS B 39 3.86 14.40 8.11
CA HIS B 39 3.41 15.77 7.96
C HIS B 39 3.59 16.45 9.30
N GLU B 40 4.39 17.51 9.35
CA GLU B 40 4.68 18.22 10.59
C GLU B 40 5.19 17.25 11.67
N GLY B 41 6.01 16.29 11.26
CA GLY B 41 6.60 15.36 12.19
C GLY B 41 5.69 14.27 12.70
N LYS B 42 4.48 14.16 12.15
CA LYS B 42 3.49 13.16 12.54
C LYS B 42 3.26 12.20 11.38
N PHE B 43 2.94 10.94 11.68
CA PHE B 43 2.83 9.91 10.65
C PHE B 43 1.41 9.41 10.52
N ILE B 44 1.01 9.17 9.27
CA ILE B 44 -0.18 8.43 8.94
C ILE B 44 0.25 7.23 8.12
N VAL B 45 -0.04 6.04 8.63
CA VAL B 45 0.31 4.78 7.97
C VAL B 45 -0.92 4.25 7.25
N SER B 46 -0.71 3.69 6.04
CA SER B 46 -1.81 3.19 5.22
C SER B 46 -2.78 4.32 4.89
N PRO B 47 -2.31 5.34 4.15
CA PRO B 47 -3.00 6.64 4.18
C PRO B 47 -4.32 6.70 3.42
N GLY B 48 -4.52 5.87 2.42
CA GLY B 48 -5.74 5.92 1.64
C GLY B 48 -5.77 7.08 0.65
N PRO B 49 -6.86 7.13 -0.13
CA PRO B 49 -6.94 8.09 -1.25
C PRO B 49 -7.23 9.52 -0.83
N PHE B 50 -7.68 9.74 0.41
CA PHE B 50 -8.10 11.06 0.84
C PHE B 50 -7.01 11.82 1.56
N SER B 51 -5.89 11.17 1.86
CA SER B 51 -4.77 11.86 2.49
CA SER B 51 -4.76 11.85 2.48
C SER B 51 -4.16 12.83 1.50
N VAL B 52 -3.83 14.03 1.97
CA VAL B 52 -3.31 15.11 1.14
C VAL B 52 -1.79 15.17 1.26
N ILE B 53 -1.12 15.37 0.15
CA ILE B 53 0.32 15.58 0.14
C ILE B 53 0.60 17.08 0.07
N GLU B 54 1.23 17.62 1.11
CA GLU B 54 1.52 19.04 1.21
C GLU B 54 3.02 19.29 1.11
N GLN B 55 3.39 20.50 0.73
CA GLN B 55 4.80 20.80 0.56
C GLN B 55 5.55 20.60 1.87
N GLY B 56 6.71 19.95 1.77
CA GLY B 56 7.52 19.63 2.92
C GLY B 56 7.24 18.28 3.53
N ASP B 57 6.14 17.63 3.14
CA ASP B 57 5.83 16.32 3.69
C ASP B 57 6.85 15.29 3.21
N HIS B 58 6.95 14.19 3.96
CA HIS B 58 7.75 13.04 3.56
C HIS B 58 6.80 11.95 3.06
N ILE B 59 7.15 11.37 1.92
CA ILE B 59 6.37 10.26 1.36
C ILE B 59 7.23 9.00 1.46
N PHE B 60 6.71 7.98 2.15
CA PHE B 60 7.34 6.67 2.24
C PHE B 60 6.58 5.73 1.30
N PHE B 61 7.31 5.01 0.46
CA PHE B 61 6.64 4.21 -0.58
C PHE B 61 7.49 3.02 -0.97
N VAL B 62 6.82 1.98 -1.48
CA VAL B 62 7.50 0.79 -1.98
C VAL B 62 7.46 0.76 -3.50
N GLY B 63 8.42 0.03 -4.07
CA GLY B 63 8.63 -0.03 -5.49
C GLY B 63 10.09 -0.42 -5.71
N ASP B 64 10.52 -0.33 -6.96
CA ASP B 64 11.91 -0.59 -7.31
C ASP B 64 12.62 0.73 -7.62
N GLU B 65 13.88 0.63 -8.08
CA GLU B 65 14.66 1.83 -8.36
C GLU B 65 13.97 2.69 -9.42
N ASP B 66 13.32 2.06 -10.39
CA ASP B 66 12.64 2.84 -11.42
C ASP B 66 11.45 3.61 -10.85
N VAL B 67 10.71 2.99 -9.93
CA VAL B 67 9.62 3.68 -9.26
C VAL B 67 10.14 4.87 -8.46
N TYR B 68 11.27 4.68 -7.77
CA TYR B 68 11.89 5.79 -7.04
C TYR B 68 12.20 6.94 -7.99
N ALA B 69 12.76 6.63 -9.17
CA ALA B 69 13.08 7.67 -10.15
C ALA B 69 11.82 8.38 -10.64
N ARG B 70 10.75 7.63 -10.88
CA ARG B 70 9.48 8.24 -11.29
C ARG B 70 8.94 9.17 -10.21
N MET B 71 8.98 8.74 -8.95
CA MET B 71 8.49 9.59 -7.86
C MET B 71 9.28 10.87 -7.76
N LYS B 72 10.60 10.79 -7.90
CA LYS B 72 11.43 11.98 -7.81
C LYS B 72 11.08 12.97 -8.91
N THR B 73 10.98 12.49 -10.14
CA THR B 73 10.65 13.40 -11.24
C THR B 73 9.24 13.95 -11.08
N TYR B 74 8.29 13.09 -10.67
CA TYR B 74 6.90 13.50 -10.54
C TYR B 74 6.73 14.65 -9.57
N PHE B 75 7.53 14.69 -8.50
CA PHE B 75 7.44 15.76 -7.51
C PHE B 75 8.51 16.83 -7.70
N ASN B 76 9.12 16.90 -8.89
CA ASN B 76 10.03 17.98 -9.22
C ASN B 76 11.28 17.99 -8.34
N LEU B 77 11.76 16.81 -7.98
CA LEU B 77 12.94 16.68 -7.12
C LEU B 77 14.24 16.47 -7.91
N ARG B 78 14.24 16.79 -9.20
CA ARG B 78 15.46 16.61 -10.00
C ARG B 78 16.39 17.82 -9.90
#